data_5XEN
#
_entry.id   5XEN
#
_cell.length_a   116.869
_cell.length_b   116.869
_cell.length_c   99.393
_cell.angle_alpha   90.00
_cell.angle_beta   90.00
_cell.angle_gamma   90.00
#
_symmetry.space_group_name_H-M   'P 43 21 2'
#
loop_
_entity.id
_entity.type
_entity.pdbx_description
1 polymer 'Cysteine synthase'
2 non-polymer "PYRIDOXAL-5'-PHOSPHATE"
3 non-polymer SERINE
4 non-polymer 'ACETATE ION'
5 non-polymer 'CALCIUM ION'
6 non-polymer DI(HYDROXYETHYL)ETHER
7 water water
#
_entity_poly.entity_id   1
_entity_poly.type   'polypeptide(L)'
_entity_poly.pdbx_seq_one_letter_code
;GPLGSLANSVIDLIGNTPLVKINNIDTFGNEIYVKLEGSNPGRSTKDRIALKMIEEAEKEGLIDKDTVIIEATSGNTGIG
LAMICAVKNYKLKIVMPDTMSIERIQLMRAYGTEVILTDGSLGMKACLEKLEELKKNEKKYFVPNQFTNVNNPKAHYETT
AEEILKDLNNKVDVFICGTGTGGSFSGTAKKLKEKLPNIKTFPVEPASSPLLSKGYIGPHKIQGMGMSIGGIPAVYDGSL
ADDILVCEDDDAFEMMRELSFKEGILGGISTGATFKAALDYSKENADKGLKIVVLSTDSGEKYLSNICDL
;
_entity_poly.pdbx_strand_id   A,B
#
# COMPACT_ATOMS: atom_id res chain seq x y z
N SER A 5 -6.80 -5.63 -15.16
CA SER A 5 -7.09 -5.02 -13.83
C SER A 5 -7.79 -3.63 -13.95
N LEU A 6 -8.74 -3.51 -14.88
CA LEU A 6 -9.63 -2.36 -14.90
C LEU A 6 -10.70 -2.54 -13.80
N ALA A 7 -10.83 -1.55 -12.91
CA ALA A 7 -11.76 -1.60 -11.75
C ALA A 7 -12.74 -0.45 -11.87
N ASN A 8 -13.98 -0.62 -11.43
CA ASN A 8 -14.92 0.50 -11.42
C ASN A 8 -14.69 1.40 -10.23
N SER A 9 -14.21 0.85 -9.13
CA SER A 9 -13.81 1.68 -8.00
C SER A 9 -12.81 0.88 -7.21
N VAL A 10 -12.21 1.53 -6.21
CA VAL A 10 -11.24 0.81 -5.33
C VAL A 10 -11.90 -0.38 -4.61
N ILE A 11 -13.23 -0.35 -4.47
CA ILE A 11 -13.94 -1.50 -3.87
C ILE A 11 -13.62 -2.79 -4.61
N ASP A 12 -13.49 -2.71 -5.92
CA ASP A 12 -13.20 -3.91 -6.73
C ASP A 12 -11.79 -4.45 -6.52
N LEU A 13 -10.94 -3.70 -5.84
CA LEU A 13 -9.59 -4.16 -5.59
C LEU A 13 -9.48 -4.95 -4.28
N ILE A 14 -10.54 -5.02 -3.51
CA ILE A 14 -10.54 -5.71 -2.22
C ILE A 14 -10.46 -7.21 -2.48
N GLY A 15 -9.56 -7.89 -1.77
CA GLY A 15 -9.41 -9.33 -1.89
C GLY A 15 -8.48 -9.76 -3.00
N ASN A 16 -8.45 -11.07 -3.25
CA ASN A 16 -7.50 -11.67 -4.21
C ASN A 16 -6.08 -11.20 -3.98
N THR A 17 -5.66 -11.31 -2.74
CA THR A 17 -4.35 -10.88 -2.32
C THR A 17 -3.34 -12.02 -2.57
N PRO A 18 -2.07 -11.65 -2.72
CA PRO A 18 -1.07 -12.64 -3.04
C PRO A 18 -0.56 -13.43 -1.84
N LEU A 19 -0.09 -14.65 -2.13
CA LEU A 19 0.54 -15.55 -1.17
C LEU A 19 1.99 -15.54 -1.60
N VAL A 20 2.91 -15.22 -0.71
CA VAL A 20 4.31 -15.17 -1.06
C VAL A 20 5.06 -16.21 -0.26
N LYS A 21 5.96 -16.95 -0.90
CA LYS A 21 6.80 -17.93 -0.19
C LYS A 21 7.97 -17.22 0.50
N ILE A 22 8.31 -17.68 1.71
CA ILE A 22 9.44 -17.17 2.44
C ILE A 22 10.70 -17.95 1.99
N ASN A 23 11.68 -17.22 1.49
CA ASN A 23 12.87 -17.85 0.89
C ASN A 23 14.22 -17.56 1.53
N ASN A 24 14.36 -16.47 2.27
CA ASN A 24 15.64 -16.11 2.82
C ASN A 24 15.71 -16.44 4.29
N ILE A 25 14.61 -16.23 5.03
CA ILE A 25 14.56 -16.60 6.42
C ILE A 25 14.52 -18.12 6.55
N ASP A 26 15.25 -18.66 7.53
CA ASP A 26 15.24 -20.11 7.75
C ASP A 26 13.91 -20.52 8.32
N THR A 27 13.19 -21.40 7.64
CA THR A 27 11.87 -21.85 8.09
C THR A 27 11.84 -23.33 8.53
N PHE A 28 13.03 -23.89 8.77
CA PHE A 28 13.21 -25.19 9.45
C PHE A 28 12.55 -26.36 8.75
N GLY A 29 12.72 -26.40 7.43
CA GLY A 29 12.28 -27.52 6.61
C GLY A 29 10.78 -27.63 6.44
N ASN A 30 10.06 -26.56 6.75
CA ASN A 30 8.66 -26.46 6.32
C ASN A 30 8.56 -25.27 5.40
N GLU A 31 7.51 -25.20 4.60
CA GLU A 31 7.34 -24.04 3.71
C GLU A 31 6.35 -23.08 4.38
N ILE A 32 6.74 -21.82 4.50
CA ILE A 32 5.84 -20.81 5.03
C ILE A 32 5.49 -19.85 3.91
N TYR A 33 4.18 -19.64 3.75
CA TYR A 33 3.63 -18.71 2.78
C TYR A 33 2.90 -17.61 3.57
N VAL A 34 3.13 -16.38 3.19
CA VAL A 34 2.49 -15.26 3.85
C VAL A 34 1.44 -14.69 2.93
N LYS A 35 0.21 -14.60 3.43
CA LYS A 35 -0.89 -14.00 2.67
C LYS A 35 -0.87 -12.51 2.97
N LEU A 36 -0.55 -11.72 1.97
CA LEU A 36 -0.29 -10.30 2.18
C LEU A 36 -1.55 -9.44 2.06
N GLU A 37 -2.27 -9.32 3.17
CA GLU A 37 -3.51 -8.53 3.19
C GLU A 37 -3.27 -7.02 3.17
N GLY A 38 -2.02 -6.61 3.40
CA GLY A 38 -1.58 -5.25 3.15
C GLY A 38 -1.72 -4.81 1.70
N SER A 39 -1.88 -5.76 0.77
CA SER A 39 -2.11 -5.47 -0.63
C SER A 39 -3.48 -4.93 -0.94
N ASN A 40 -4.45 -5.17 -0.06
CA ASN A 40 -5.76 -4.55 -0.18
C ASN A 40 -5.63 -3.02 -0.31
N PRO A 41 -6.62 -2.37 -0.94
CA PRO A 41 -6.53 -0.91 -1.16
C PRO A 41 -6.51 -0.07 0.13
N GLY A 42 -7.20 -0.53 1.16
CA GLY A 42 -7.11 0.09 2.45
C GLY A 42 -5.94 -0.39 3.31
N ARG A 43 -5.09 -1.27 2.75
CA ARG A 43 -3.85 -1.75 3.36
C ARG A 43 -4.00 -2.73 4.52
N SER A 44 -5.19 -3.31 4.66
CA SER A 44 -5.40 -4.38 5.63
C SER A 44 -6.49 -5.34 5.18
N THR A 45 -6.53 -6.49 5.86
CA THR A 45 -7.58 -7.45 5.64
C THR A 45 -8.96 -6.91 5.98
N LYS A 46 -9.03 -5.87 6.79
CA LYS A 46 -10.31 -5.35 7.25
CA LYS A 46 -10.31 -5.35 7.26
C LYS A 46 -11.15 -4.74 6.14
N ASP A 47 -10.53 -4.41 5.02
CA ASP A 47 -11.29 -4.02 3.84
C ASP A 47 -12.38 -5.09 3.51
N ARG A 48 -12.04 -6.37 3.70
CA ARG A 48 -12.96 -7.46 3.39
C ARG A 48 -14.19 -7.42 4.28
N ILE A 49 -13.98 -7.22 5.56
CA ILE A 49 -15.10 -7.19 6.51
C ILE A 49 -15.85 -5.87 6.45
N ALA A 50 -15.16 -4.76 6.19
CA ALA A 50 -15.85 -3.48 6.01
C ALA A 50 -16.81 -3.59 4.84
N LEU A 51 -16.34 -4.18 3.74
CA LEU A 51 -17.16 -4.33 2.56
C LEU A 51 -18.36 -5.26 2.83
N LYS A 52 -18.13 -6.41 3.42
CA LYS A 52 -19.25 -7.33 3.62
C LYS A 52 -20.26 -6.80 4.64
N MET A 53 -19.78 -6.21 5.74
CA MET A 53 -20.70 -5.69 6.75
C MET A 53 -21.56 -4.59 6.14
N ILE A 54 -20.96 -3.74 5.31
CA ILE A 54 -21.72 -2.66 4.72
C ILE A 54 -22.66 -3.18 3.63
N GLU A 55 -22.17 -4.05 2.77
CA GLU A 55 -23.01 -4.54 1.66
C GLU A 55 -24.21 -5.34 2.18
N GLU A 56 -24.00 -6.15 3.22
CA GLU A 56 -25.10 -6.90 3.79
C GLU A 56 -26.13 -6.00 4.45
N ALA A 57 -25.69 -4.98 5.16
CA ALA A 57 -26.58 -4.02 5.80
C ALA A 57 -27.35 -3.21 4.76
N GLU A 58 -26.69 -2.84 3.65
CA GLU A 58 -27.40 -2.23 2.50
C GLU A 58 -28.55 -3.10 2.00
N LYS A 59 -28.28 -4.37 1.79
CA LYS A 59 -29.28 -5.32 1.30
C LYS A 59 -30.43 -5.50 2.30
N GLU A 60 -30.14 -5.39 3.59
CA GLU A 60 -31.16 -5.51 4.62
C GLU A 60 -32.02 -4.27 4.76
N GLY A 61 -31.61 -3.16 4.14
CA GLY A 61 -32.32 -1.91 4.28
C GLY A 61 -31.92 -1.15 5.53
N LEU A 62 -30.78 -1.49 6.12
CA LEU A 62 -30.31 -0.84 7.32
C LEU A 62 -29.44 0.39 7.08
N ILE A 63 -29.11 0.66 5.83
CA ILE A 63 -28.32 1.82 5.47
C ILE A 63 -29.00 2.57 4.33
N ASP A 64 -29.51 3.75 4.64
CA ASP A 64 -30.04 4.69 3.64
C ASP A 64 -28.92 5.68 3.31
N LYS A 65 -29.17 6.53 2.32
CA LYS A 65 -28.18 7.54 1.95
C LYS A 65 -27.80 8.43 3.13
N ASP A 66 -28.74 8.71 4.04
CA ASP A 66 -28.49 9.58 5.17
C ASP A 66 -28.23 8.83 6.49
N THR A 67 -27.98 7.53 6.43
CA THR A 67 -27.64 6.75 7.63
C THR A 67 -26.17 7.00 7.99
N VAL A 68 -25.93 7.35 9.24
CA VAL A 68 -24.58 7.53 9.73
C VAL A 68 -24.00 6.20 10.20
N ILE A 69 -22.85 5.83 9.69
CA ILE A 69 -22.19 4.61 10.09
C ILE A 69 -21.28 4.97 11.28
N ILE A 70 -21.40 4.19 12.35
CA ILE A 70 -20.66 4.43 13.60
C ILE A 70 -19.99 3.13 14.05
N GLU A 71 -18.67 3.15 14.28
CA GLU A 71 -17.94 1.92 14.64
C GLU A 71 -16.81 2.21 15.59
N ALA A 72 -16.59 1.28 16.52
CA ALA A 72 -15.42 1.25 17.40
C ALA A 72 -14.37 0.36 16.76
N THR A 73 -13.13 0.83 16.71
CA THR A 73 -12.08 0.13 15.99
C THR A 73 -10.72 0.47 16.60
N SER A 74 -9.77 -0.44 16.47
CA SER A 74 -8.36 -0.16 16.78
C SER A 74 -7.65 0.49 15.61
N GLY A 75 -8.35 0.61 14.47
CA GLY A 75 -7.84 1.41 13.37
C GLY A 75 -8.20 0.86 12.03
N ASN A 76 -7.75 -0.37 11.75
CA ASN A 76 -7.88 -0.87 10.38
C ASN A 76 -9.34 -1.03 9.92
N THR A 77 -10.22 -1.53 10.78
CA THR A 77 -11.63 -1.61 10.36
C THR A 77 -12.19 -0.22 10.03
N GLY A 78 -11.78 0.77 10.80
CA GLY A 78 -12.13 2.16 10.56
C GLY A 78 -11.60 2.65 9.24
N ILE A 79 -10.35 2.29 8.90
CA ILE A 79 -9.77 2.70 7.60
C ILE A 79 -10.52 2.05 6.46
N GLY A 80 -10.77 0.76 6.55
CA GLY A 80 -11.55 0.04 5.57
C GLY A 80 -12.95 0.63 5.36
N LEU A 81 -13.64 0.86 6.45
CA LEU A 81 -14.95 1.51 6.41
C LEU A 81 -14.85 2.89 5.77
N ALA A 82 -13.84 3.65 6.15
CA ALA A 82 -13.68 5.01 5.64
C ALA A 82 -13.51 5.04 4.12
N MET A 83 -12.70 4.14 3.60
CA MET A 83 -12.43 4.08 2.16
C MET A 83 -13.71 3.68 1.42
N ILE A 84 -14.41 2.67 1.93
CA ILE A 84 -15.68 2.24 1.32
C ILE A 84 -16.78 3.34 1.41
N CYS A 85 -16.86 4.00 2.55
CA CYS A 85 -17.84 5.08 2.75
C CYS A 85 -17.53 6.31 1.89
N ALA A 86 -16.25 6.57 1.62
CA ALA A 86 -15.88 7.62 0.70
C ALA A 86 -16.45 7.33 -0.68
N VAL A 87 -16.26 6.12 -1.18
CA VAL A 87 -16.75 5.71 -2.51
C VAL A 87 -18.30 5.78 -2.52
N LYS A 88 -18.92 5.29 -1.46
CA LYS A 88 -20.40 5.19 -1.39
C LYS A 88 -21.11 6.44 -0.91
N ASN A 89 -20.34 7.47 -0.52
CA ASN A 89 -20.89 8.69 0.04
C ASN A 89 -21.72 8.52 1.33
N TYR A 90 -21.28 7.65 2.24
CA TYR A 90 -21.91 7.55 3.54
C TYR A 90 -21.10 8.33 4.56
N LYS A 91 -21.79 8.93 5.51
CA LYS A 91 -21.16 9.64 6.63
C LYS A 91 -20.70 8.60 7.66
N LEU A 92 -19.43 8.68 8.05
CA LEU A 92 -18.82 7.73 8.99
C LEU A 92 -18.26 8.47 10.21
N LYS A 93 -18.55 7.93 11.38
CA LYS A 93 -17.95 8.33 12.63
C LYS A 93 -17.25 7.12 13.23
N ILE A 94 -16.01 7.32 13.65
CA ILE A 94 -15.20 6.26 14.25
C ILE A 94 -14.75 6.65 15.65
N VAL A 95 -14.80 5.68 16.55
CA VAL A 95 -14.21 5.78 17.91
C VAL A 95 -13.05 4.81 18.03
N MET A 96 -11.89 5.34 18.42
CA MET A 96 -10.67 4.58 18.48
C MET A 96 -9.88 4.95 19.73
N PRO A 97 -9.09 4.01 20.29
CA PRO A 97 -8.25 4.42 21.42
C PRO A 97 -7.10 5.35 21.00
N ASP A 98 -6.74 6.30 21.86
CA ASP A 98 -5.62 7.21 21.58
C ASP A 98 -4.24 6.58 21.66
N THR A 99 -4.16 5.29 21.94
CA THR A 99 -2.89 4.60 22.02
C THR A 99 -2.47 3.95 20.67
N MET A 100 -3.34 4.01 19.67
CA MET A 100 -3.02 3.40 18.37
C MET A 100 -2.24 4.40 17.52
N SER A 101 -1.56 3.91 16.49
CA SER A 101 -0.67 4.72 15.70
C SER A 101 -1.41 5.92 15.09
N ILE A 102 -0.79 7.10 15.20
CA ILE A 102 -1.39 8.37 14.71
C ILE A 102 -1.69 8.32 13.20
N GLU A 103 -0.93 7.51 12.46
CA GLU A 103 -1.17 7.32 11.05
C GLU A 103 -2.61 6.82 10.82
N ARG A 104 -3.15 6.03 11.76
CA ARG A 104 -4.54 5.53 11.64
C ARG A 104 -5.52 6.72 11.58
N ILE A 105 -5.35 7.70 12.48
CA ILE A 105 -6.20 8.88 12.56
C ILE A 105 -6.10 9.70 11.27
N GLN A 106 -4.89 9.89 10.79
CA GLN A 106 -4.67 10.67 9.58
CA GLN A 106 -4.66 10.66 9.57
C GLN A 106 -5.24 9.98 8.34
N LEU A 107 -5.11 8.67 8.26
CA LEU A 107 -5.66 7.94 7.13
C LEU A 107 -7.17 8.04 7.12
N MET A 108 -7.80 7.78 8.28
CA MET A 108 -9.25 7.85 8.35
C MET A 108 -9.77 9.24 8.00
N ARG A 109 -9.15 10.27 8.56
CA ARG A 109 -9.53 11.66 8.20
C ARG A 109 -9.30 12.00 6.72
N ALA A 110 -8.27 11.44 6.10
CA ALA A 110 -8.04 11.63 4.65
C ALA A 110 -9.24 11.17 3.80
N TYR A 111 -9.92 10.11 4.25
CA TYR A 111 -11.08 9.59 3.58
C TYR A 111 -12.39 10.30 3.99
N GLY A 112 -12.30 11.28 4.88
CA GLY A 112 -13.46 12.07 5.30
C GLY A 112 -14.08 11.68 6.63
N THR A 113 -13.44 10.78 7.36
CA THR A 113 -14.03 10.24 8.59
C THR A 113 -13.95 11.23 9.71
N GLU A 114 -14.98 11.29 10.56
CA GLU A 114 -14.86 11.93 11.87
C GLU A 114 -14.32 10.92 12.87
N VAL A 115 -13.17 11.22 13.46
CA VAL A 115 -12.48 10.30 14.36
C VAL A 115 -12.54 10.85 15.79
N ILE A 116 -13.08 10.05 16.71
CA ILE A 116 -13.26 10.44 18.10
C ILE A 116 -12.36 9.50 18.91
N LEU A 117 -11.59 10.06 19.83
CA LEU A 117 -10.63 9.27 20.57
C LEU A 117 -11.09 9.02 22.00
N THR A 118 -10.80 7.83 22.51
CA THR A 118 -10.96 7.54 23.93
C THR A 118 -9.61 7.21 24.53
N ASP A 119 -9.58 7.26 25.86
CA ASP A 119 -8.39 6.93 26.61
C ASP A 119 -8.00 5.47 26.42
N GLY A 120 -6.84 5.24 25.81
CA GLY A 120 -6.41 3.88 25.45
C GLY A 120 -6.07 2.95 26.60
N SER A 121 -5.78 3.53 27.78
CA SER A 121 -5.58 2.71 28.95
C SER A 121 -6.85 1.91 29.29
N LEU A 122 -8.02 2.42 28.88
CA LEU A 122 -9.30 1.76 29.14
C LEU A 122 -9.69 0.69 28.11
N GLY A 123 -8.93 0.57 27.02
CA GLY A 123 -9.14 -0.51 26.05
C GLY A 123 -10.34 -0.27 25.12
N MET A 124 -10.67 -1.28 24.33
CA MET A 124 -11.75 -1.15 23.35
C MET A 124 -13.12 -1.03 24.01
N LYS A 125 -13.24 -1.49 25.26
CA LYS A 125 -14.50 -1.36 25.98
C LYS A 125 -14.91 0.10 26.08
N ALA A 126 -13.95 1.00 26.28
CA ALA A 126 -14.23 2.42 26.35
C ALA A 126 -14.76 2.98 25.01
N CYS A 127 -14.24 2.44 23.91
CA CYS A 127 -14.71 2.84 22.58
C CYS A 127 -16.19 2.44 22.40
N LEU A 128 -16.53 1.21 22.78
CA LEU A 128 -17.90 0.71 22.72
C LEU A 128 -18.85 1.53 23.62
N GLU A 129 -18.42 1.87 24.83
CA GLU A 129 -19.22 2.74 25.68
C GLU A 129 -19.46 4.10 25.03
N LYS A 130 -18.42 4.69 24.45
CA LYS A 130 -18.56 5.98 23.75
C LYS A 130 -19.59 5.94 22.60
N LEU A 131 -19.64 4.82 21.91
CA LEU A 131 -20.66 4.60 20.85
C LEU A 131 -22.08 4.93 21.33
N GLU A 132 -22.40 4.62 22.60
CA GLU A 132 -23.72 4.91 23.15
C GLU A 132 -24.10 6.38 23.09
N GLU A 133 -23.16 7.25 23.44
CA GLU A 133 -23.42 8.66 23.35
C GLU A 133 -23.60 9.11 21.88
N LEU A 134 -22.78 8.60 20.98
CA LEU A 134 -22.91 8.96 19.58
C LEU A 134 -24.30 8.56 19.00
N LYS A 135 -24.79 7.41 19.40
CA LYS A 135 -26.10 6.93 18.92
C LYS A 135 -27.24 7.87 19.27
N LYS A 136 -27.19 8.49 20.46
CA LYS A 136 -28.24 9.41 20.91
C LYS A 136 -28.36 10.65 20.04
N ASN A 137 -27.27 11.06 19.42
CA ASN A 137 -27.23 12.27 18.62
C ASN A 137 -27.57 12.07 17.15
N GLU A 138 -27.89 10.85 16.74
CA GLU A 138 -28.24 10.57 15.34
C GLU A 138 -29.65 10.04 15.12
N LYS A 139 -30.34 10.61 14.16
CA LYS A 139 -31.65 10.14 13.73
C LYS A 139 -31.60 8.78 13.02
N LYS A 140 -30.54 8.54 12.23
CA LYS A 140 -30.41 7.27 11.52
C LYS A 140 -28.95 6.82 11.64
N TYR A 141 -28.73 5.59 12.11
CA TYR A 141 -27.37 5.06 12.21
C TYR A 141 -27.35 3.58 12.00
N PHE A 142 -26.16 3.05 11.71
CA PHE A 142 -25.90 1.64 11.66
C PHE A 142 -24.53 1.44 12.32
N VAL A 143 -24.47 0.50 13.27
CA VAL A 143 -23.20 0.14 13.90
C VAL A 143 -22.80 -1.22 13.34
N PRO A 144 -21.73 -1.29 12.55
CA PRO A 144 -21.37 -2.60 12.00
C PRO A 144 -21.08 -3.66 13.08
N ASN A 145 -20.44 -3.23 14.16
CA ASN A 145 -20.05 -4.08 15.29
C ASN A 145 -19.27 -5.32 14.86
N GLN A 146 -18.04 -5.09 14.44
CA GLN A 146 -17.15 -6.18 14.04
C GLN A 146 -16.94 -7.27 15.13
N PHE A 147 -17.15 -6.93 16.40
CA PHE A 147 -17.00 -7.88 17.49
C PHE A 147 -18.10 -8.95 17.52
N THR A 148 -19.26 -8.64 16.95
CA THR A 148 -20.45 -9.51 17.03
C THR A 148 -21.05 -9.87 15.67
N ASN A 149 -20.67 -9.11 14.65
CA ASN A 149 -21.31 -9.25 13.32
C ASN A 149 -20.76 -10.45 12.63
N VAL A 150 -21.61 -11.43 12.33
CA VAL A 150 -21.12 -12.64 11.66
C VAL A 150 -20.57 -12.38 10.27
N ASN A 151 -20.90 -11.23 9.67
CA ASN A 151 -20.34 -10.91 8.38
C ASN A 151 -18.84 -10.62 8.40
N ASN A 152 -18.28 -10.44 9.61
CA ASN A 152 -16.83 -10.38 9.80
C ASN A 152 -16.22 -11.77 9.48
N PRO A 153 -16.46 -12.80 10.31
CA PRO A 153 -15.88 -14.11 9.94
C PRO A 153 -16.39 -14.68 8.60
N LYS A 154 -17.63 -14.37 8.24
CA LYS A 154 -18.17 -14.84 6.95
C LYS A 154 -17.42 -14.32 5.71
N ALA A 155 -16.94 -13.09 5.78
CA ALA A 155 -16.15 -12.51 4.68
C ALA A 155 -14.94 -13.37 4.42
N HIS A 156 -14.25 -13.78 5.50
CA HIS A 156 -13.08 -14.62 5.39
C HIS A 156 -13.35 -16.07 5.01
N TYR A 157 -14.43 -16.60 5.56
CA TYR A 157 -14.94 -17.91 5.17
C TYR A 157 -15.17 -17.97 3.65
N GLU A 158 -15.76 -16.90 3.09
CA GLU A 158 -16.13 -16.83 1.67
C GLU A 158 -14.99 -16.50 0.71
N THR A 159 -14.04 -15.68 1.14
CA THR A 159 -13.03 -15.14 0.20
C THR A 159 -11.64 -15.52 0.62
N THR A 160 -11.19 -15.05 1.77
CA THR A 160 -9.82 -15.32 2.24
C THR A 160 -9.44 -16.80 2.17
N ALA A 161 -10.26 -17.65 2.78
CA ALA A 161 -9.99 -19.09 2.83
C ALA A 161 -9.99 -19.72 1.45
N GLU A 162 -10.92 -19.31 0.60
CA GLU A 162 -11.01 -19.85 -0.79
C GLU A 162 -9.78 -19.46 -1.63
N GLU A 163 -9.25 -18.25 -1.40
CA GLU A 163 -8.03 -17.84 -2.08
C GLU A 163 -6.83 -18.65 -1.64
N ILE A 164 -6.76 -19.00 -0.37
CA ILE A 164 -5.68 -19.83 0.16
C ILE A 164 -5.75 -21.23 -0.46
N LEU A 165 -6.94 -21.81 -0.47
CA LEU A 165 -7.16 -23.16 -1.05
C LEU A 165 -6.80 -23.16 -2.53
N LYS A 166 -7.27 -22.16 -3.26
CA LYS A 166 -7.01 -22.06 -4.68
C LYS A 166 -5.54 -21.93 -4.97
N ASP A 167 -4.87 -20.99 -4.31
CA ASP A 167 -3.47 -20.70 -4.61
C ASP A 167 -2.53 -21.84 -4.26
N LEU A 168 -2.86 -22.62 -3.24
CA LEU A 168 -2.00 -23.75 -2.86
C LEU A 168 -2.55 -25.08 -3.38
N ASN A 169 -3.54 -25.04 -4.27
CA ASN A 169 -4.17 -26.25 -4.86
C ASN A 169 -4.63 -27.24 -3.83
N ASN A 170 -5.32 -26.73 -2.81
CA ASN A 170 -5.79 -27.52 -1.67
C ASN A 170 -4.73 -28.24 -0.84
N LYS A 171 -3.47 -27.81 -0.92
CA LYS A 171 -2.40 -28.37 -0.12
C LYS A 171 -2.02 -27.38 0.96
N VAL A 172 -2.72 -27.45 2.09
CA VAL A 172 -2.41 -26.63 3.25
C VAL A 172 -2.47 -27.48 4.50
N ASP A 173 -1.39 -27.47 5.26
CA ASP A 173 -1.29 -28.25 6.50
C ASP A 173 -1.55 -27.47 7.77
N VAL A 174 -1.17 -26.18 7.77
CA VAL A 174 -1.26 -25.35 8.97
C VAL A 174 -1.65 -23.90 8.55
N PHE A 175 -2.53 -23.28 9.31
CA PHE A 175 -2.92 -21.87 9.13
C PHE A 175 -2.78 -21.19 10.46
N ILE A 176 -2.10 -20.04 10.48
CA ILE A 176 -1.79 -19.33 11.71
C ILE A 176 -2.16 -17.87 11.48
N CYS A 177 -2.93 -17.31 12.42
CA CYS A 177 -3.50 -15.99 12.26
C CYS A 177 -3.59 -15.25 13.59
N GLY A 178 -3.21 -13.97 13.60
CA GLY A 178 -3.38 -13.15 14.78
C GLY A 178 -4.84 -12.88 15.10
N THR A 179 -5.15 -12.60 16.36
CA THR A 179 -6.52 -12.31 16.78
C THR A 179 -6.67 -10.98 17.48
N GLY A 180 -7.78 -10.32 17.17
CA GLY A 180 -8.29 -9.17 17.88
C GLY A 180 -9.78 -9.44 18.12
N THR A 181 -10.59 -9.29 17.08
CA THR A 181 -11.96 -9.82 17.12
C THR A 181 -12.02 -11.35 17.11
N GLY A 182 -11.06 -11.98 16.44
CA GLY A 182 -11.05 -13.38 16.15
C GLY A 182 -11.70 -13.74 14.84
N GLY A 183 -12.17 -12.75 14.10
CA GLY A 183 -12.92 -13.01 12.88
C GLY A 183 -12.14 -13.58 11.74
N SER A 184 -10.97 -13.01 11.48
CA SER A 184 -10.16 -13.53 10.39
C SER A 184 -9.72 -14.97 10.69
N PHE A 185 -9.30 -15.22 11.92
CA PHE A 185 -8.93 -16.57 12.31
C PHE A 185 -10.12 -17.52 12.14
N SER A 186 -11.24 -17.14 12.71
CA SER A 186 -12.36 -18.08 12.87
C SER A 186 -13.07 -18.34 11.55
N GLY A 187 -13.25 -17.30 10.73
CA GLY A 187 -13.87 -17.47 9.44
C GLY A 187 -13.02 -18.28 8.49
N THR A 188 -11.73 -17.95 8.44
CA THR A 188 -10.84 -18.63 7.54
C THR A 188 -10.66 -20.10 8.00
N ALA A 189 -10.43 -20.30 9.29
CA ALA A 189 -10.21 -21.66 9.84
C ALA A 189 -11.45 -22.55 9.62
N LYS A 190 -12.64 -21.97 9.74
CA LYS A 190 -13.86 -22.74 9.58
C LYS A 190 -13.95 -23.30 8.15
N LYS A 191 -13.69 -22.48 7.14
CA LYS A 191 -13.74 -22.93 5.77
C LYS A 191 -12.64 -23.95 5.51
N LEU A 192 -11.41 -23.63 5.94
CA LEU A 192 -10.30 -24.53 5.69
C LEU A 192 -10.57 -25.94 6.29
N LYS A 193 -11.10 -25.98 7.51
CA LYS A 193 -11.40 -27.25 8.18
C LYS A 193 -12.58 -28.00 7.54
N GLU A 194 -13.52 -27.29 6.94
CA GLU A 194 -14.58 -27.95 6.15
C GLU A 194 -14.06 -28.64 4.90
N LYS A 195 -13.04 -28.05 4.23
CA LYS A 195 -12.48 -28.63 3.02
C LYS A 195 -11.29 -29.54 3.26
N LEU A 196 -10.54 -29.33 4.35
CA LEU A 196 -9.31 -30.06 4.66
C LEU A 196 -9.39 -30.55 6.11
N PRO A 197 -9.98 -31.74 6.32
CA PRO A 197 -10.23 -32.16 7.70
C PRO A 197 -8.99 -32.40 8.55
N ASN A 198 -7.81 -32.57 7.95
CA ASN A 198 -6.57 -32.74 8.74
C ASN A 198 -5.78 -31.43 9.04
N ILE A 199 -6.25 -30.28 8.53
CA ILE A 199 -5.48 -29.02 8.69
C ILE A 199 -5.48 -28.64 10.16
N LYS A 200 -4.39 -28.06 10.62
CA LYS A 200 -4.32 -27.49 11.97
C LYS A 200 -4.44 -25.98 11.84
N THR A 201 -5.24 -25.37 12.72
CA THR A 201 -5.46 -23.92 12.66
C THR A 201 -5.23 -23.31 14.04
N PHE A 202 -4.37 -22.30 14.11
CA PHE A 202 -4.00 -21.71 15.38
C PHE A 202 -4.20 -20.18 15.39
N PRO A 203 -4.85 -19.67 16.42
CA PRO A 203 -4.87 -18.25 16.66
C PRO A 203 -3.63 -17.82 17.45
N VAL A 204 -3.22 -16.56 17.26
CA VAL A 204 -2.12 -15.96 18.03
C VAL A 204 -2.69 -14.79 18.85
N GLU A 205 -2.26 -14.68 20.09
CA GLU A 205 -2.59 -13.54 20.95
C GLU A 205 -1.31 -12.98 21.55
N PRO A 206 -1.37 -11.77 22.08
CA PRO A 206 -0.16 -11.19 22.68
C PRO A 206 0.22 -11.95 23.97
N ALA A 207 1.51 -12.27 24.11
CA ALA A 207 1.95 -12.99 25.31
C ALA A 207 1.70 -12.17 26.57
N SER A 208 1.75 -10.84 26.48
CA SER A 208 1.46 -9.98 27.62
C SER A 208 -0.02 -9.58 27.76
N SER A 209 -0.90 -10.11 26.91
CA SER A 209 -2.36 -10.03 27.15
C SER A 209 -3.01 -11.38 26.80
N PRO A 210 -2.69 -12.40 27.60
CA PRO A 210 -2.97 -13.79 27.23
C PRO A 210 -4.35 -14.20 27.69
N LEU A 211 -5.37 -13.55 27.15
CA LEU A 211 -6.71 -13.79 27.64
C LEU A 211 -7.15 -15.23 27.41
N LEU A 212 -6.94 -15.72 26.20
CA LEU A 212 -7.41 -17.06 25.83
C LEU A 212 -6.57 -18.15 26.47
N SER A 213 -5.27 -17.91 26.60
CA SER A 213 -4.37 -18.97 27.09
C SER A 213 -4.24 -18.97 28.63
N LYS A 214 -4.34 -17.80 29.26
CA LYS A 214 -4.20 -17.72 30.72
C LYS A 214 -5.30 -17.02 31.47
N GLY A 215 -6.27 -16.41 30.77
CA GLY A 215 -7.42 -15.82 31.45
C GLY A 215 -7.22 -14.44 32.06
N TYR A 216 -6.21 -13.70 31.61
CA TYR A 216 -6.11 -12.30 32.03
C TYR A 216 -5.61 -11.46 30.90
N ILE A 217 -5.82 -10.15 31.04
CA ILE A 217 -5.33 -9.19 30.08
C ILE A 217 -4.26 -8.28 30.69
N GLY A 218 -3.50 -7.66 29.80
CA GLY A 218 -2.47 -6.77 30.20
C GLY A 218 -2.07 -5.88 29.03
N PRO A 219 -1.08 -5.01 29.24
CA PRO A 219 -0.61 -4.12 28.21
C PRO A 219 0.22 -4.87 27.16
N HIS A 220 0.11 -4.43 25.92
CA HIS A 220 0.97 -4.95 24.89
C HIS A 220 1.07 -3.94 23.79
N LYS A 221 2.00 -4.17 22.88
CA LYS A 221 2.27 -3.24 21.77
C LYS A 221 1.92 -3.78 20.39
N ILE A 222 1.26 -4.94 20.34
CA ILE A 222 0.94 -5.58 19.05
C ILE A 222 -0.38 -5.02 18.54
N GLN A 223 -0.30 -3.84 17.95
CA GLN A 223 -1.50 -3.11 17.56
C GLN A 223 -2.42 -3.92 16.66
N GLY A 224 -3.71 -3.96 17.02
CA GLY A 224 -4.71 -4.74 16.29
C GLY A 224 -5.02 -6.08 16.97
N MET A 225 -4.04 -6.64 17.68
CA MET A 225 -4.27 -7.88 18.41
C MET A 225 -4.69 -7.59 19.85
N GLY A 226 -5.11 -8.63 20.56
CA GLY A 226 -5.53 -8.48 21.93
C GLY A 226 -7.03 -8.25 22.03
N MET A 227 -7.58 -8.60 23.17
CA MET A 227 -9.02 -8.53 23.40
C MET A 227 -9.26 -7.70 24.61
N SER A 228 -9.84 -6.53 24.42
CA SER A 228 -10.00 -5.58 25.52
C SER A 228 -11.42 -5.01 25.61
N ILE A 229 -12.39 -5.73 25.06
CA ILE A 229 -13.79 -5.28 25.10
C ILE A 229 -14.53 -5.72 26.37
N GLY A 230 -13.85 -6.47 27.25
CA GLY A 230 -14.44 -6.94 28.51
C GLY A 230 -14.88 -8.40 28.46
N GLY A 231 -14.33 -9.16 27.54
CA GLY A 231 -14.65 -10.58 27.40
C GLY A 231 -14.20 -11.03 26.02
N ILE A 232 -14.50 -12.27 25.67
CA ILE A 232 -14.11 -12.79 24.37
C ILE A 232 -15.15 -12.36 23.34
N PRO A 233 -14.72 -11.83 22.19
CA PRO A 233 -15.70 -11.47 21.15
C PRO A 233 -16.52 -12.63 20.61
N ALA A 234 -17.80 -12.37 20.33
CA ALA A 234 -18.72 -13.38 19.87
C ALA A 234 -18.25 -14.02 18.59
N VAL A 235 -17.55 -13.27 17.73
CA VAL A 235 -17.12 -13.82 16.45
C VAL A 235 -15.90 -14.74 16.53
N TYR A 236 -15.24 -14.81 17.68
CA TYR A 236 -14.16 -15.76 17.91
C TYR A 236 -14.76 -17.13 18.21
N ASP A 237 -14.30 -18.13 17.48
CA ASP A 237 -14.75 -19.52 17.68
C ASP A 237 -13.57 -20.37 18.13
N GLY A 238 -13.47 -20.51 19.46
CA GLY A 238 -12.36 -21.21 20.07
C GLY A 238 -12.35 -22.71 19.83
N SER A 239 -13.48 -23.28 19.42
CA SER A 239 -13.50 -24.71 19.05
C SER A 239 -12.66 -25.03 17.80
N LEU A 240 -12.31 -24.01 17.01
CA LEU A 240 -11.44 -24.18 15.84
C LEU A 240 -9.95 -24.19 16.20
N ALA A 241 -9.58 -23.71 17.38
CA ALA A 241 -8.17 -23.55 17.73
C ALA A 241 -7.55 -24.87 18.16
N ASP A 242 -6.55 -25.32 17.45
CA ASP A 242 -5.81 -26.52 17.85
C ASP A 242 -4.85 -26.28 19.02
N ASP A 243 -4.53 -25.02 19.28
CA ASP A 243 -3.77 -24.58 20.43
C ASP A 243 -3.82 -23.04 20.36
N ILE A 244 -3.46 -22.36 21.43
CA ILE A 244 -3.35 -20.90 21.41
C ILE A 244 -1.88 -20.57 21.34
N LEU A 245 -1.45 -19.83 20.32
CA LEU A 245 -0.05 -19.39 20.26
C LEU A 245 0.05 -17.95 20.76
N VAL A 246 1.25 -17.58 21.21
CA VAL A 246 1.48 -16.26 21.69
C VAL A 246 2.77 -15.68 21.15
N CYS A 247 2.89 -14.37 21.22
CA CYS A 247 4.12 -13.67 20.93
C CYS A 247 4.34 -12.48 21.85
N GLU A 248 5.57 -12.35 22.37
CA GLU A 248 5.98 -11.18 23.16
C GLU A 248 6.18 -9.97 22.25
N ASP A 249 6.02 -8.79 22.82
CA ASP A 249 6.17 -7.53 22.09
C ASP A 249 7.53 -7.43 21.40
N ASP A 250 8.61 -7.70 22.14
CA ASP A 250 9.94 -7.55 21.57
C ASP A 250 10.18 -8.46 20.39
N ASP A 251 9.77 -9.71 20.50
CA ASP A 251 9.89 -10.65 19.41
C ASP A 251 9.06 -10.25 18.18
N ALA A 252 7.89 -9.67 18.40
CA ALA A 252 7.05 -9.23 17.30
C ALA A 252 7.76 -8.12 16.49
N PHE A 253 8.32 -7.12 17.20
CA PHE A 253 9.09 -6.06 16.55
C PHE A 253 10.32 -6.59 15.82
N GLU A 254 11.05 -7.49 16.45
CA GLU A 254 12.24 -8.08 15.83
C GLU A 254 11.89 -8.80 14.54
N MET A 255 10.81 -9.57 14.58
CA MET A 255 10.39 -10.32 13.41
C MET A 255 9.86 -9.41 12.29
N MET A 256 9.16 -8.34 12.66
CA MET A 256 8.73 -7.34 11.67
C MET A 256 9.96 -6.82 10.89
N ARG A 257 11.03 -6.52 11.60
CA ARG A 257 12.27 -6.03 10.97
C ARG A 257 12.96 -7.13 10.19
N GLU A 258 12.95 -8.37 10.69
CA GLU A 258 13.55 -9.45 9.93
C GLU A 258 12.85 -9.61 8.58
N LEU A 259 11.51 -9.52 8.61
CA LEU A 259 10.72 -9.69 7.39
C LEU A 259 11.05 -8.61 6.35
N SER A 260 11.16 -7.37 6.76
CA SER A 260 11.45 -6.31 5.82
C SER A 260 12.92 -6.40 5.35
N PHE A 261 13.86 -6.65 6.28
CA PHE A 261 15.30 -6.75 5.93
C PHE A 261 15.62 -7.90 5.00
N LYS A 262 15.02 -9.06 5.23
CA LYS A 262 15.40 -10.33 4.56
C LYS A 262 14.46 -10.75 3.45
N GLU A 263 13.19 -10.36 3.49
CA GLU A 263 12.23 -10.74 2.46
C GLU A 263 11.64 -9.57 1.66
N GLY A 264 11.95 -8.35 2.05
CA GLY A 264 11.33 -7.19 1.44
C GLY A 264 9.82 -7.12 1.72
N ILE A 265 9.39 -7.73 2.83
CA ILE A 265 7.99 -7.71 3.22
C ILE A 265 7.83 -6.75 4.38
N LEU A 266 7.07 -5.67 4.15
CA LEU A 266 6.84 -4.65 5.14
C LEU A 266 5.45 -4.88 5.72
N GLY A 267 5.38 -5.65 6.79
CA GLY A 267 4.12 -5.97 7.42
C GLY A 267 3.98 -5.19 8.71
N GLY A 268 2.76 -5.17 9.24
CA GLY A 268 2.52 -4.53 10.52
C GLY A 268 3.10 -5.29 11.71
N ILE A 269 2.89 -4.76 12.90
CA ILE A 269 3.39 -5.39 14.12
C ILE A 269 2.73 -6.75 14.32
N SER A 270 1.42 -6.82 14.08
CA SER A 270 0.74 -8.13 14.21
C SER A 270 1.27 -9.17 13.21
N THR A 271 1.74 -8.74 12.05
CA THR A 271 2.37 -9.65 11.09
C THR A 271 3.68 -10.22 11.66
N GLY A 272 4.48 -9.37 12.29
CA GLY A 272 5.68 -9.86 12.99
C GLY A 272 5.34 -10.87 14.09
N ALA A 273 4.32 -10.55 14.88
CA ALA A 273 3.86 -11.43 15.98
C ALA A 273 3.37 -12.77 15.45
N THR A 274 2.53 -12.73 14.41
CA THR A 274 1.95 -13.95 13.85
C THR A 274 3.01 -14.78 13.15
N PHE A 275 3.89 -14.11 12.45
CA PHE A 275 4.97 -14.80 11.77
C PHE A 275 5.96 -15.42 12.76
N LYS A 276 6.33 -14.70 13.81
CA LYS A 276 7.18 -15.27 14.85
C LYS A 276 6.53 -16.53 15.45
N ALA A 277 5.23 -16.46 15.74
CA ALA A 277 4.50 -17.64 16.26
C ALA A 277 4.58 -18.78 15.29
N ALA A 278 4.45 -18.47 14.00
CA ALA A 278 4.50 -19.53 12.98
C ALA A 278 5.89 -20.11 12.88
N LEU A 279 6.90 -19.26 12.98
CA LEU A 279 8.30 -19.73 12.94
C LEU A 279 8.60 -20.66 14.10
N ASP A 280 8.12 -20.28 15.30
CA ASP A 280 8.27 -21.10 16.50
C ASP A 280 7.61 -22.42 16.30
N TYR A 281 6.39 -22.40 15.76
CA TYR A 281 5.65 -23.60 15.45
C TYR A 281 6.40 -24.47 14.47
N SER A 282 6.93 -23.85 13.41
CA SER A 282 7.67 -24.56 12.39
C SER A 282 8.94 -25.21 12.99
N LYS A 283 9.64 -24.48 13.84
CA LYS A 283 10.82 -25.01 14.51
C LYS A 283 10.47 -26.25 15.37
N GLU A 284 9.37 -26.17 16.12
CA GLU A 284 8.88 -27.31 16.91
C GLU A 284 8.41 -28.48 16.08
N ASN A 285 8.18 -28.24 14.79
CA ASN A 285 7.72 -29.28 13.89
C ASN A 285 8.66 -29.34 12.69
N ALA A 286 9.94 -29.19 12.97
CA ALA A 286 10.93 -29.00 11.93
C ALA A 286 11.00 -30.18 10.98
N ASP A 287 11.26 -29.87 9.71
CA ASP A 287 11.55 -30.88 8.71
C ASP A 287 10.45 -31.88 8.45
N LYS A 288 9.20 -31.41 8.52
CA LYS A 288 8.06 -32.25 8.19
C LYS A 288 7.50 -31.91 6.82
N GLY A 289 8.10 -30.95 6.13
CA GLY A 289 7.58 -30.52 4.83
C GLY A 289 6.16 -29.95 4.87
N LEU A 290 5.77 -29.36 6.01
CA LEU A 290 4.42 -28.80 6.15
C LEU A 290 4.29 -27.53 5.31
N LYS A 291 3.09 -27.30 4.81
CA LYS A 291 2.76 -26.05 4.11
C LYS A 291 2.02 -25.23 5.14
N ILE A 292 2.65 -24.15 5.56
CA ILE A 292 2.13 -23.31 6.64
C ILE A 292 1.73 -21.97 6.03
N VAL A 293 0.50 -21.55 6.27
CA VAL A 293 0.05 -20.23 5.78
C VAL A 293 -0.15 -19.30 6.95
N VAL A 294 0.47 -18.11 6.84
CA VAL A 294 0.39 -17.10 7.84
C VAL A 294 -0.37 -15.93 7.22
N LEU A 295 -1.38 -15.45 7.92
CA LEU A 295 -2.07 -14.25 7.48
C LEU A 295 -1.31 -13.02 7.95
N SER A 296 -0.85 -12.18 7.03
CA SER A 296 -0.31 -10.87 7.36
C SER A 296 -1.48 -9.87 7.26
N THR A 297 -1.93 -9.35 8.40
CA THR A 297 -3.16 -8.58 8.45
C THR A 297 -3.05 -7.20 7.77
N ASP A 298 -1.92 -6.53 7.96
CA ASP A 298 -1.74 -5.21 7.35
C ASP A 298 -0.33 -4.94 6.99
N SER A 299 -0.12 -3.86 6.23
CA SER A 299 1.24 -3.50 5.85
C SER A 299 1.83 -2.58 6.92
N GLY A 300 3.15 -2.45 6.88
CA GLY A 300 3.89 -1.79 7.95
C GLY A 300 4.02 -0.28 7.88
N GLU A 301 3.56 0.33 6.79
CA GLU A 301 3.78 1.78 6.61
C GLU A 301 3.17 2.63 7.71
N LYS A 302 2.06 2.19 8.29
CA LYS A 302 1.39 3.01 9.29
C LYS A 302 2.03 2.91 10.68
N TYR A 303 3.14 2.19 10.82
CA TYR A 303 3.81 2.01 12.11
C TYR A 303 5.13 2.77 12.14
N LEU A 304 5.31 3.65 11.17
CA LEU A 304 6.54 4.43 11.02
C LEU A 304 6.32 5.83 11.57
N LEU B 6 0.68 -18.31 -6.23
CA LEU B 6 1.93 -18.07 -5.45
C LEU B 6 2.92 -17.13 -6.12
N ALA B 7 3.54 -16.26 -5.32
CA ALA B 7 4.72 -15.52 -5.71
C ALA B 7 5.93 -16.12 -5.00
N ASN B 8 7.09 -16.12 -5.64
CA ASN B 8 8.30 -16.55 -4.96
C ASN B 8 8.96 -15.47 -4.12
N SER B 9 8.69 -14.21 -4.45
CA SER B 9 9.11 -13.12 -3.62
C SER B 9 8.22 -11.93 -3.96
N VAL B 10 8.38 -10.86 -3.21
CA VAL B 10 7.62 -9.62 -3.51
C VAL B 10 7.98 -9.07 -4.89
N ILE B 11 9.14 -9.45 -5.45
CA ILE B 11 9.53 -9.01 -6.81
C ILE B 11 8.46 -9.44 -7.81
N ASP B 12 7.86 -10.62 -7.59
CA ASP B 12 6.81 -11.10 -8.47
C ASP B 12 5.52 -10.29 -8.37
N LEU B 13 5.41 -9.41 -7.38
CA LEU B 13 4.21 -8.59 -7.23
C LEU B 13 4.34 -7.24 -7.93
N ILE B 14 5.51 -6.94 -8.48
CA ILE B 14 5.73 -5.64 -9.14
C ILE B 14 4.94 -5.59 -10.44
N GLY B 15 4.27 -4.47 -10.69
CA GLY B 15 3.53 -4.31 -11.92
C GLY B 15 2.14 -4.88 -11.85
N ASN B 16 1.50 -4.96 -13.02
CA ASN B 16 0.11 -5.43 -13.13
C ASN B 16 -0.82 -4.70 -12.17
N THR B 17 -0.70 -3.38 -12.15
CA THR B 17 -1.41 -2.56 -11.21
C THR B 17 -2.77 -2.24 -11.77
N PRO B 18 -3.70 -1.89 -10.87
CA PRO B 18 -5.05 -1.66 -11.35
C PRO B 18 -5.26 -0.27 -11.93
N LEU B 19 -6.28 -0.19 -12.80
CA LEU B 19 -6.69 1.03 -13.42
C LEU B 19 -8.12 1.24 -12.87
N VAL B 20 -8.40 2.36 -12.19
CA VAL B 20 -9.66 2.58 -11.54
CA VAL B 20 -9.72 2.56 -11.57
C VAL B 20 -10.39 3.74 -12.24
N LYS B 21 -11.68 3.59 -12.47
CA LYS B 21 -12.49 4.65 -13.05
C LYS B 21 -12.89 5.67 -12.00
N ILE B 22 -12.93 6.94 -12.37
CA ILE B 22 -13.41 8.00 -11.51
C ILE B 22 -14.95 8.11 -11.61
N ASN B 23 -15.61 7.97 -10.47
CA ASN B 23 -17.08 7.84 -10.41
C ASN B 23 -17.86 8.96 -9.76
N ASN B 24 -17.26 9.63 -8.80
CA ASN B 24 -17.98 10.64 -8.04
C ASN B 24 -17.57 12.05 -8.49
N ILE B 25 -16.29 12.27 -8.77
CA ILE B 25 -15.83 13.56 -9.28
C ILE B 25 -16.39 13.76 -10.69
N ASP B 26 -16.88 14.96 -10.99
CA ASP B 26 -17.46 15.25 -12.30
C ASP B 26 -16.29 15.33 -13.27
N THR B 27 -16.28 14.50 -14.29
CA THR B 27 -15.17 14.48 -15.23
C THR B 27 -15.57 15.06 -16.60
N PHE B 28 -16.70 15.77 -16.65
CA PHE B 28 -17.07 16.62 -17.82
C PHE B 28 -17.25 15.87 -19.12
N GLY B 29 -17.94 14.73 -19.02
CA GLY B 29 -18.34 13.98 -20.19
C GLY B 29 -17.19 13.26 -20.87
N ASN B 30 -16.07 13.12 -20.17
CA ASN B 30 -15.02 12.20 -20.57
C ASN B 30 -14.81 11.20 -19.43
N GLU B 31 -14.19 10.07 -19.72
CA GLU B 31 -13.92 9.09 -18.67
C GLU B 31 -12.47 9.22 -18.25
N ILE B 32 -12.25 9.30 -16.95
CA ILE B 32 -10.89 9.37 -16.42
C ILE B 32 -10.65 8.09 -15.61
N TYR B 33 -9.53 7.44 -15.92
CA TYR B 33 -9.05 6.27 -15.23
C TYR B 33 -7.70 6.56 -14.59
N VAL B 34 -7.50 6.10 -13.37
CA VAL B 34 -6.28 6.32 -12.67
C VAL B 34 -5.53 5.01 -12.53
N LYS B 35 -4.29 4.99 -13.01
CA LYS B 35 -3.45 3.80 -12.86
C LYS B 35 -2.72 3.88 -11.53
N LEU B 36 -3.08 2.98 -10.62
CA LEU B 36 -2.65 3.12 -9.24
C LEU B 36 -1.32 2.41 -9.00
N GLU B 37 -0.24 3.12 -9.27
CA GLU B 37 1.11 2.58 -9.05
C GLU B 37 1.51 2.46 -7.60
N GLY B 38 0.74 3.10 -6.71
CA GLY B 38 0.82 2.88 -5.29
C GLY B 38 0.49 1.46 -4.86
N SER B 39 -0.13 0.68 -5.74
CA SER B 39 -0.39 -0.72 -5.48
C SER B 39 0.83 -1.64 -5.56
N ASN B 40 1.88 -1.19 -6.21
CA ASN B 40 3.15 -1.95 -6.23
C ASN B 40 3.61 -2.21 -4.78
N PRO B 41 4.39 -3.28 -4.55
CA PRO B 41 4.82 -3.65 -3.19
C PRO B 41 5.64 -2.56 -2.49
N GLY B 42 6.43 -1.81 -3.26
CA GLY B 42 7.15 -0.68 -2.72
C GLY B 42 6.36 0.63 -2.71
N ARG B 43 5.09 0.57 -3.13
CA ARG B 43 4.15 1.69 -3.05
C ARG B 43 4.40 2.83 -4.04
N SER B 44 5.17 2.55 -5.08
CA SER B 44 5.33 3.50 -6.21
C SER B 44 5.65 2.80 -7.49
N THR B 45 5.49 3.55 -8.58
CA THR B 45 5.87 3.07 -9.90
C THR B 45 7.37 2.76 -10.01
N LYS B 46 8.18 3.33 -9.11
CA LYS B 46 9.61 3.21 -9.23
CA LYS B 46 9.63 3.18 -9.23
C LYS B 46 10.09 1.77 -8.97
N ASP B 47 9.24 0.94 -8.36
CA ASP B 47 9.52 -0.52 -8.24
C ASP B 47 9.88 -1.09 -9.63
N ARG B 48 9.18 -0.61 -10.67
CA ARG B 48 9.41 -1.10 -12.01
C ARG B 48 10.81 -0.76 -12.56
N ILE B 49 11.24 0.47 -12.32
CA ILE B 49 12.53 0.87 -12.80
C ILE B 49 13.64 0.34 -11.93
N ALA B 50 13.40 0.24 -10.63
CA ALA B 50 14.39 -0.34 -9.73
C ALA B 50 14.67 -1.77 -10.21
N LEU B 51 13.61 -2.52 -10.49
CA LEU B 51 13.75 -3.92 -10.90
C LEU B 51 14.49 -4.01 -12.23
N LYS B 52 14.09 -3.23 -13.22
CA LYS B 52 14.73 -3.36 -14.53
C LYS B 52 16.18 -2.88 -14.53
N MET B 53 16.47 -1.76 -13.86
CA MET B 53 17.84 -1.26 -13.80
C MET B 53 18.73 -2.30 -13.12
N ILE B 54 18.23 -2.91 -12.05
CA ILE B 54 19.05 -3.93 -11.35
C ILE B 54 19.20 -5.21 -12.19
N GLU B 55 18.11 -5.70 -12.76
CA GLU B 55 18.14 -6.98 -13.48
C GLU B 55 18.98 -6.90 -14.74
N GLU B 56 18.94 -5.77 -15.43
CA GLU B 56 19.76 -5.59 -16.62
C GLU B 56 21.24 -5.46 -16.25
N ALA B 57 21.55 -4.76 -15.17
CA ALA B 57 22.95 -4.65 -14.70
C ALA B 57 23.49 -6.02 -14.28
N GLU B 58 22.68 -6.83 -13.60
CA GLU B 58 23.01 -8.21 -13.26
C GLU B 58 23.40 -9.02 -14.49
N LYS B 59 22.55 -8.99 -15.53
CA LYS B 59 22.81 -9.68 -16.77
C LYS B 59 24.07 -9.17 -17.48
N GLU B 60 24.36 -7.89 -17.34
CA GLU B 60 25.53 -7.31 -17.97
C GLU B 60 26.82 -7.58 -17.17
N GLY B 61 26.73 -8.19 -15.99
CA GLY B 61 27.89 -8.48 -15.17
C GLY B 61 28.36 -7.31 -14.32
N LEU B 62 27.48 -6.35 -14.04
CA LEU B 62 27.87 -5.16 -13.32
C LEU B 62 27.63 -5.23 -11.80
N ILE B 63 27.02 -6.30 -11.34
CA ILE B 63 26.64 -6.42 -9.92
C ILE B 63 27.03 -7.78 -9.38
N ASP B 64 27.98 -7.78 -8.46
CA ASP B 64 28.35 -8.95 -7.68
C ASP B 64 27.55 -8.92 -6.37
N LYS B 65 27.65 -10.01 -5.63
CA LYS B 65 26.91 -10.12 -4.36
C LYS B 65 27.33 -9.08 -3.38
N ASP B 66 28.58 -8.60 -3.44
CA ASP B 66 29.07 -7.56 -2.56
C ASP B 66 29.27 -6.20 -3.24
N THR B 67 28.67 -5.99 -4.40
CA THR B 67 28.67 -4.68 -5.02
C THR B 67 27.70 -3.78 -4.22
N VAL B 68 28.14 -2.58 -3.87
CA VAL B 68 27.28 -1.65 -3.18
C VAL B 68 26.54 -0.83 -4.23
N ILE B 69 25.21 -0.89 -4.18
CA ILE B 69 24.38 -0.08 -5.07
C ILE B 69 24.24 1.31 -4.44
N ILE B 70 24.45 2.35 -5.25
CA ILE B 70 24.38 3.71 -4.77
C ILE B 70 23.56 4.55 -5.77
N GLU B 71 22.60 5.32 -5.27
CA GLU B 71 21.69 6.07 -6.14
C GLU B 71 21.26 7.37 -5.48
N ALA B 72 21.16 8.43 -6.27
CA ALA B 72 20.57 9.69 -5.83
C ALA B 72 19.08 9.66 -6.19
N THR B 73 18.21 10.07 -5.26
CA THR B 73 16.78 9.89 -5.42
C THR B 73 16.05 10.94 -4.58
N SER B 74 14.84 11.30 -5.01
CA SER B 74 13.95 12.10 -4.17
C SER B 74 13.14 11.19 -3.23
N GLY B 75 13.25 9.88 -3.39
CA GLY B 75 12.71 8.96 -2.38
C GLY B 75 12.23 7.64 -2.93
N ASN B 76 11.29 7.70 -3.87
CA ASN B 76 10.63 6.47 -4.31
C ASN B 76 11.55 5.52 -5.05
N THR B 77 12.43 6.03 -5.91
CA THR B 77 13.38 5.10 -6.54
C THR B 77 14.27 4.44 -5.48
N GLY B 78 14.64 5.19 -4.45
CA GLY B 78 15.38 4.65 -3.30
C GLY B 78 14.59 3.57 -2.57
N ILE B 79 13.29 3.79 -2.38
CA ILE B 79 12.43 2.78 -1.73
C ILE B 79 12.31 1.50 -2.57
N GLY B 80 12.03 1.67 -3.85
CA GLY B 80 11.97 0.55 -4.76
C GLY B 80 13.26 -0.26 -4.79
N LEU B 81 14.37 0.44 -4.94
CA LEU B 81 15.67 -0.21 -4.86
C LEU B 81 15.90 -0.90 -3.52
N ALA B 82 15.49 -0.26 -2.43
CA ALA B 82 15.66 -0.84 -1.09
C ALA B 82 14.95 -2.16 -0.93
N MET B 83 13.72 -2.22 -1.41
CA MET B 83 12.94 -3.42 -1.30
C MET B 83 13.53 -4.55 -2.14
N ILE B 84 13.91 -4.23 -3.38
CA ILE B 84 14.53 -5.20 -4.25
C ILE B 84 15.87 -5.70 -3.71
N CYS B 85 16.66 -4.78 -3.18
CA CYS B 85 17.95 -5.13 -2.57
C CYS B 85 17.80 -5.98 -1.30
N ALA B 86 16.69 -5.78 -0.54
CA ALA B 86 16.36 -6.66 0.58
C ALA B 86 16.12 -8.08 0.08
N VAL B 87 15.32 -8.25 -0.96
CA VAL B 87 15.03 -9.57 -1.50
C VAL B 87 16.32 -10.22 -2.06
N LYS B 88 17.13 -9.41 -2.75
CA LYS B 88 18.33 -9.93 -3.43
C LYS B 88 19.56 -10.03 -2.54
N ASN B 89 19.46 -9.55 -1.30
CA ASN B 89 20.56 -9.41 -0.38
C ASN B 89 21.71 -8.54 -0.92
N TYR B 90 21.41 -7.41 -1.56
CA TYR B 90 22.42 -6.44 -1.93
C TYR B 90 22.41 -5.29 -0.94
N LYS B 91 23.56 -4.66 -0.81
CA LYS B 91 23.75 -3.49 0.04
C LYS B 91 23.45 -2.24 -0.79
N LEU B 92 22.57 -1.39 -0.28
CA LEU B 92 22.16 -0.15 -0.95
C LEU B 92 22.46 1.05 -0.06
N LYS B 93 23.03 2.08 -0.68
CA LYS B 93 23.17 3.39 -0.09
C LYS B 93 22.47 4.42 -0.98
N ILE B 94 21.69 5.30 -0.34
CA ILE B 94 20.90 6.29 -1.06
C ILE B 94 21.31 7.69 -0.60
N VAL B 95 21.43 8.60 -1.55
CA VAL B 95 21.60 10.02 -1.28
C VAL B 95 20.26 10.72 -1.63
N MET B 96 19.70 11.48 -0.68
CA MET B 96 18.41 12.14 -0.86
C MET B 96 18.42 13.54 -0.24
N PRO B 97 17.60 14.48 -0.78
CA PRO B 97 17.51 15.79 -0.14
C PRO B 97 16.81 15.71 1.19
N ASP B 98 17.21 16.57 2.12
CA ASP B 98 16.54 16.66 3.42
C ASP B 98 15.15 17.30 3.40
N THR B 99 14.68 17.75 2.25
CA THR B 99 13.37 18.38 2.14
C THR B 99 12.23 17.37 1.82
N MET B 100 12.55 16.11 1.60
CA MET B 100 11.56 15.11 1.24
C MET B 100 10.95 14.51 2.52
N SER B 101 9.79 13.89 2.39
CA SER B 101 9.05 13.38 3.53
C SER B 101 9.88 12.37 4.34
N ILE B 102 9.88 12.52 5.66
CA ILE B 102 10.62 11.66 6.59
C ILE B 102 10.19 10.19 6.44
N GLU B 103 8.95 9.98 6.01
CA GLU B 103 8.46 8.63 5.78
C GLU B 103 9.30 7.90 4.71
N ARG B 104 9.86 8.66 3.76
CA ARG B 104 10.73 8.07 2.74
C ARG B 104 11.94 7.45 3.41
N ILE B 105 12.54 8.19 4.34
CA ILE B 105 13.70 7.70 5.08
C ILE B 105 13.32 6.44 5.86
N GLN B 106 12.21 6.50 6.56
CA GLN B 106 11.80 5.40 7.43
C GLN B 106 11.54 4.13 6.61
N LEU B 107 10.94 4.30 5.43
CA LEU B 107 10.69 3.15 4.57
C LEU B 107 12.00 2.53 4.07
N MET B 108 12.90 3.37 3.58
CA MET B 108 14.19 2.85 3.10
C MET B 108 14.94 2.14 4.22
N ARG B 109 14.98 2.75 5.41
CA ARG B 109 15.67 2.12 6.55
C ARG B 109 15.01 0.83 7.02
N ALA B 110 13.69 0.72 6.90
CA ALA B 110 12.96 -0.52 7.24
C ALA B 110 13.46 -1.69 6.39
N TYR B 111 13.85 -1.41 5.15
CA TYR B 111 14.39 -2.44 4.25
C TYR B 111 15.90 -2.64 4.40
N GLY B 112 16.56 -1.87 5.27
CA GLY B 112 17.99 -2.05 5.55
C GLY B 112 18.90 -1.14 4.77
N THR B 113 18.33 -0.11 4.13
CA THR B 113 19.08 0.79 3.28
C THR B 113 19.68 1.91 4.12
N GLU B 114 20.92 2.26 3.82
CA GLU B 114 21.53 3.44 4.43
C GLU B 114 21.25 4.70 3.63
N VAL B 115 20.93 5.78 4.36
CA VAL B 115 20.58 7.05 3.75
C VAL B 115 21.60 8.14 4.09
N ILE B 116 22.03 8.88 3.07
CA ILE B 116 22.89 10.07 3.20
C ILE B 116 22.05 11.28 2.76
N LEU B 117 22.02 12.34 3.58
CA LEU B 117 21.17 13.48 3.32
C LEU B 117 21.98 14.67 2.80
N THR B 118 21.43 15.38 1.83
CA THR B 118 22.01 16.64 1.37
C THR B 118 20.99 17.78 1.59
N ASP B 119 21.49 19.00 1.53
CA ASP B 119 20.68 20.20 1.65
C ASP B 119 19.74 20.35 0.48
N GLY B 120 18.45 20.22 0.77
CA GLY B 120 17.40 20.22 -0.26
C GLY B 120 17.24 21.53 -1.05
N SER B 121 17.68 22.65 -0.48
CA SER B 121 17.64 23.93 -1.17
C SER B 121 18.62 23.93 -2.38
N LEU B 122 19.57 22.99 -2.40
CA LEU B 122 20.47 22.81 -3.54
C LEU B 122 20.00 21.80 -4.60
N GLY B 123 18.86 21.15 -4.35
CA GLY B 123 18.22 20.32 -5.37
C GLY B 123 18.91 18.98 -5.55
N MET B 124 18.43 18.21 -6.53
CA MET B 124 18.99 16.90 -6.81
C MET B 124 20.43 17.00 -7.32
N LYS B 125 20.82 18.16 -7.85
CA LYS B 125 22.21 18.34 -8.26
C LYS B 125 23.19 18.08 -7.10
N ALA B 126 22.84 18.57 -5.91
CA ALA B 126 23.70 18.36 -4.73
C ALA B 126 23.78 16.87 -4.35
N CYS B 127 22.69 16.13 -4.55
CA CYS B 127 22.70 14.66 -4.34
C CYS B 127 23.70 13.98 -5.25
N LEU B 128 23.67 14.35 -6.54
CA LEU B 128 24.56 13.80 -7.53
C LEU B 128 26.03 14.15 -7.21
N GLU B 129 26.28 15.36 -6.77
CA GLU B 129 27.63 15.71 -6.32
C GLU B 129 28.08 14.89 -5.11
N LYS B 130 27.21 14.72 -4.13
CA LYS B 130 27.54 13.93 -2.95
C LYS B 130 27.83 12.46 -3.29
N LEU B 131 27.05 11.92 -4.22
CA LEU B 131 27.26 10.56 -4.69
C LEU B 131 28.67 10.35 -5.25
N GLU B 132 29.20 11.32 -6.00
CA GLU B 132 30.60 11.27 -6.45
C GLU B 132 31.58 11.15 -5.30
N GLU B 133 31.34 11.87 -4.22
CA GLU B 133 32.18 11.75 -3.04
C GLU B 133 32.06 10.33 -2.40
N LEU B 134 30.83 9.80 -2.32
CA LEU B 134 30.62 8.47 -1.74
C LEU B 134 31.32 7.37 -2.56
N LYS B 135 31.34 7.52 -3.88
CA LYS B 135 32.01 6.55 -4.74
C LYS B 135 33.49 6.36 -4.35
N LYS B 136 34.15 7.42 -3.88
CA LYS B 136 35.57 7.36 -3.55
C LYS B 136 35.87 6.40 -2.39
N ASN B 137 34.90 6.17 -1.52
CA ASN B 137 35.03 5.21 -0.43
C ASN B 137 34.47 3.82 -0.68
N GLU B 138 33.99 3.54 -1.89
CA GLU B 138 33.45 2.21 -2.19
C GLU B 138 34.37 1.51 -3.15
N LYS B 139 34.81 0.33 -2.76
CA LYS B 139 35.69 -0.50 -3.60
C LYS B 139 34.97 -1.04 -4.82
N LYS B 140 33.66 -1.27 -4.69
CA LYS B 140 32.92 -1.88 -5.77
C LYS B 140 31.49 -1.40 -5.70
N TYR B 141 31.04 -0.74 -6.76
CA TYR B 141 29.71 -0.12 -6.71
C TYR B 141 29.07 -0.16 -8.09
N PHE B 142 27.77 0.06 -8.08
CA PHE B 142 26.98 0.22 -9.28
C PHE B 142 26.04 1.39 -8.99
N VAL B 143 26.03 2.37 -9.89
CA VAL B 143 25.12 3.48 -9.80
C VAL B 143 24.06 3.30 -10.89
N PRO B 144 22.83 3.02 -10.49
CA PRO B 144 21.80 2.84 -11.54
C PRO B 144 21.63 4.09 -12.45
N ASN B 145 21.73 5.27 -11.86
CA ASN B 145 21.57 6.57 -12.51
C ASN B 145 20.25 6.68 -13.32
N GLN B 146 19.15 6.72 -12.59
CA GLN B 146 17.82 6.83 -13.17
C GLN B 146 17.62 8.04 -14.12
N PHE B 147 18.43 9.08 -13.99
CA PHE B 147 18.34 10.27 -14.84
C PHE B 147 18.84 10.01 -16.26
N THR B 148 19.68 8.99 -16.43
CA THR B 148 20.26 8.68 -17.77
C THR B 148 20.06 7.25 -18.24
N ASN B 149 19.70 6.35 -17.34
CA ASN B 149 19.63 4.93 -17.63
C ASN B 149 18.40 4.61 -18.46
N VAL B 150 18.61 4.07 -19.67
CA VAL B 150 17.51 3.76 -20.57
C VAL B 150 16.53 2.78 -19.96
N ASN B 151 16.98 2.00 -18.99
CA ASN B 151 16.11 1.03 -18.37
C ASN B 151 15.02 1.63 -17.45
N ASN B 152 15.11 2.92 -17.16
CA ASN B 152 14.03 3.67 -16.49
C ASN B 152 12.86 3.79 -17.50
N PRO B 153 13.01 4.56 -18.60
CA PRO B 153 11.83 4.59 -19.51
C PRO B 153 11.46 3.25 -20.16
N LYS B 154 12.45 2.40 -20.41
CA LYS B 154 12.19 1.09 -21.01
C LYS B 154 11.30 0.21 -20.16
N ALA B 155 11.45 0.29 -18.84
CA ALA B 155 10.60 -0.48 -17.95
C ALA B 155 9.13 -0.15 -18.22
N HIS B 156 8.84 1.15 -18.34
CA HIS B 156 7.45 1.62 -18.58
C HIS B 156 6.94 1.32 -20.00
N TYR B 157 7.84 1.42 -20.96
CA TYR B 157 7.58 1.02 -22.33
C TYR B 157 7.13 -0.44 -22.40
N GLU B 158 7.81 -1.28 -21.65
CA GLU B 158 7.55 -2.72 -21.67
C GLU B 158 6.39 -3.20 -20.83
N THR B 159 6.09 -2.53 -19.72
CA THR B 159 5.11 -3.08 -18.78
C THR B 159 3.95 -2.07 -18.55
N THR B 160 4.24 -0.91 -18.00
CA THR B 160 3.18 0.08 -17.67
C THR B 160 2.25 0.36 -18.85
N ALA B 161 2.84 0.66 -20.01
CA ALA B 161 2.05 0.97 -21.21
C ALA B 161 1.27 -0.21 -21.72
N GLU B 162 1.87 -1.41 -21.74
CA GLU B 162 1.15 -2.64 -22.17
C GLU B 162 -0.04 -2.97 -21.27
N GLU B 163 0.10 -2.69 -19.98
CA GLU B 163 -1.00 -2.92 -19.05
C GLU B 163 -2.15 -1.96 -19.33
N ILE B 164 -1.82 -0.71 -19.68
CA ILE B 164 -2.85 0.29 -19.98
C ILE B 164 -3.62 -0.15 -21.23
N LEU B 165 -2.87 -0.52 -22.25
CA LEU B 165 -3.47 -0.94 -23.52
C LEU B 165 -4.35 -2.17 -23.32
N LYS B 166 -3.87 -3.16 -22.57
CA LYS B 166 -4.62 -4.37 -22.33
C LYS B 166 -5.90 -4.09 -21.51
N ASP B 167 -5.77 -3.37 -20.41
CA ASP B 167 -6.92 -3.11 -19.55
C ASP B 167 -8.01 -2.26 -20.23
N LEU B 168 -7.63 -1.36 -21.14
CA LEU B 168 -8.63 -0.54 -21.84
C LEU B 168 -8.93 -1.06 -23.24
N ASN B 169 -8.46 -2.25 -23.55
CA ASN B 169 -8.69 -2.90 -24.85
C ASN B 169 -8.29 -2.03 -26.02
N ASN B 170 -7.12 -1.41 -25.91
CA ASN B 170 -6.57 -0.49 -26.89
C ASN B 170 -7.39 0.77 -27.18
N LYS B 171 -8.29 1.12 -26.29
CA LYS B 171 -9.09 2.34 -26.45
C LYS B 171 -8.58 3.34 -25.43
N VAL B 172 -7.61 4.15 -25.84
CA VAL B 172 -7.08 5.20 -25.00
C VAL B 172 -6.88 6.43 -25.84
N ASP B 173 -7.45 7.56 -25.41
CA ASP B 173 -7.33 8.81 -26.15
C ASP B 173 -6.27 9.75 -25.63
N VAL B 174 -6.06 9.74 -24.31
CA VAL B 174 -5.20 10.70 -23.65
C VAL B 174 -4.49 10.02 -22.47
N PHE B 175 -3.22 10.32 -22.30
CA PHE B 175 -2.41 9.85 -21.18
C PHE B 175 -1.70 11.04 -20.57
N ILE B 176 -1.77 11.17 -19.26
CA ILE B 176 -1.25 12.31 -18.52
C ILE B 176 -0.43 11.78 -17.34
N CYS B 177 0.75 12.34 -17.15
CA CYS B 177 1.71 11.79 -16.22
C CYS B 177 2.63 12.88 -15.66
N GLY B 178 2.85 12.88 -14.35
CA GLY B 178 3.77 13.82 -13.74
C GLY B 178 5.23 13.49 -14.12
N THR B 179 6.10 14.47 -14.05
CA THR B 179 7.49 14.28 -14.39
C THR B 179 8.45 14.71 -13.29
N GLY B 180 9.48 13.91 -13.11
CA GLY B 180 10.67 14.23 -12.33
C GLY B 180 11.86 13.88 -13.20
N THR B 181 12.18 12.58 -13.36
CA THR B 181 13.15 12.17 -14.37
C THR B 181 12.58 12.32 -15.77
N GLY B 182 11.27 12.18 -15.87
CA GLY B 182 10.58 12.06 -17.14
C GLY B 182 10.50 10.66 -17.69
N GLY B 183 11.01 9.68 -16.94
CA GLY B 183 10.99 8.30 -17.41
C GLY B 183 9.64 7.64 -17.54
N SER B 184 8.77 7.82 -16.54
CA SER B 184 7.48 7.16 -16.61
C SER B 184 6.63 7.78 -17.74
N PHE B 185 6.67 9.09 -17.84
CA PHE B 185 5.95 9.75 -18.94
C PHE B 185 6.49 9.25 -20.27
N SER B 186 7.81 9.28 -20.43
CA SER B 186 8.42 9.13 -21.75
C SER B 186 8.38 7.69 -22.21
N GLY B 187 8.66 6.74 -21.32
CA GLY B 187 8.59 5.34 -21.68
C GLY B 187 7.16 4.90 -21.97
N THR B 188 6.22 5.31 -21.11
CA THR B 188 4.85 4.91 -21.30
C THR B 188 4.27 5.55 -22.57
N ALA B 189 4.50 6.85 -22.73
CA ALA B 189 3.96 7.57 -23.91
C ALA B 189 4.54 6.98 -25.21
N LYS B 190 5.81 6.60 -25.18
CA LYS B 190 6.44 6.06 -26.40
C LYS B 190 5.73 4.79 -26.86
N LYS B 191 5.47 3.86 -25.95
CA LYS B 191 4.76 2.65 -26.34
C LYS B 191 3.32 2.94 -26.75
N LEU B 192 2.63 3.77 -25.97
CA LEU B 192 1.24 4.09 -26.32
C LEU B 192 1.14 4.68 -27.73
N LYS B 193 2.04 5.61 -28.04
CA LYS B 193 2.09 6.24 -29.35
C LYS B 193 2.45 5.27 -30.49
N GLU B 194 3.27 4.27 -30.20
CA GLU B 194 3.56 3.26 -31.23
CA GLU B 194 3.58 3.16 -31.10
C GLU B 194 2.34 2.43 -31.56
N LYS B 195 1.50 2.10 -30.58
CA LYS B 195 0.32 1.29 -30.82
C LYS B 195 -0.93 2.10 -31.18
N LEU B 196 -1.01 3.35 -30.71
CA LEU B 196 -2.18 4.21 -30.87
C LEU B 196 -1.72 5.53 -31.42
N PRO B 197 -1.59 5.62 -32.75
CA PRO B 197 -0.96 6.81 -33.31
C PRO B 197 -1.66 8.13 -33.06
N ASN B 198 -2.95 8.11 -32.72
CA ASN B 198 -3.66 9.36 -32.48
C ASN B 198 -3.81 9.75 -31.00
N ILE B 199 -3.20 8.97 -30.10
CA ILE B 199 -3.28 9.29 -28.68
C ILE B 199 -2.57 10.61 -28.38
N LYS B 200 -3.05 11.36 -27.41
CA LYS B 200 -2.38 12.58 -26.95
C LYS B 200 -1.75 12.27 -25.61
N THR B 201 -0.52 12.69 -25.42
CA THR B 201 0.21 12.38 -24.18
C THR B 201 0.81 13.66 -23.63
N PHE B 202 0.55 13.94 -22.37
CA PHE B 202 1.00 15.16 -21.74
C PHE B 202 1.77 14.91 -20.45
N PRO B 203 2.93 15.54 -20.31
CA PRO B 203 3.59 15.58 -19.03
C PRO B 203 3.06 16.73 -18.18
N VAL B 204 3.18 16.57 -16.87
CA VAL B 204 2.90 17.62 -15.91
C VAL B 204 4.14 18.01 -15.14
N GLU B 205 4.28 19.31 -14.90
CA GLU B 205 5.34 19.82 -14.05
C GLU B 205 4.78 20.81 -13.02
N PRO B 206 5.56 21.15 -11.99
CA PRO B 206 5.09 22.08 -10.97
C PRO B 206 4.98 23.50 -11.55
N ALA B 207 3.86 24.17 -11.31
CA ALA B 207 3.70 25.56 -11.76
C ALA B 207 4.79 26.47 -11.16
N SER B 208 5.26 26.16 -9.95
CA SER B 208 6.37 26.89 -9.34
C SER B 208 7.76 26.49 -9.78
N SER B 209 7.88 25.44 -10.61
CA SER B 209 9.20 25.05 -11.18
C SER B 209 9.00 24.68 -12.66
N PRO B 210 8.63 25.68 -13.47
CA PRO B 210 8.11 25.44 -14.79
C PRO B 210 9.21 25.34 -15.84
N LEU B 211 10.09 24.35 -15.68
CA LEU B 211 11.28 24.27 -16.50
C LEU B 211 10.92 24.08 -17.97
N LEU B 212 10.02 23.15 -18.24
CA LEU B 212 9.67 22.79 -19.63
C LEU B 212 8.75 23.83 -20.27
N SER B 213 7.88 24.44 -19.49
CA SER B 213 6.91 25.40 -20.06
C SER B 213 7.44 26.85 -20.11
N LYS B 214 8.31 27.21 -19.16
CA LYS B 214 8.84 28.59 -19.11
C LYS B 214 10.36 28.70 -19.03
N GLY B 215 11.09 27.61 -18.88
CA GLY B 215 12.56 27.67 -18.88
C GLY B 215 13.26 28.04 -17.59
N TYR B 216 12.58 28.00 -16.46
CA TYR B 216 13.28 28.22 -15.18
C TYR B 216 12.75 27.30 -14.10
N ILE B 217 13.53 27.12 -13.05
CA ILE B 217 13.13 26.31 -11.93
C ILE B 217 12.86 27.16 -10.70
N GLY B 218 12.21 26.58 -9.71
CA GLY B 218 11.94 27.25 -8.47
C GLY B 218 11.61 26.24 -7.40
N PRO B 219 11.55 26.70 -6.14
CA PRO B 219 11.13 25.83 -5.07
C PRO B 219 9.63 25.48 -5.18
N HIS B 220 9.29 24.25 -4.85
CA HIS B 220 7.90 23.78 -4.94
C HIS B 220 7.76 22.65 -3.96
N LYS B 221 6.52 22.22 -3.74
CA LYS B 221 6.21 21.21 -2.74
C LYS B 221 5.67 19.89 -3.31
N ILE B 222 5.69 19.74 -4.61
CA ILE B 222 5.09 18.55 -5.26
C ILE B 222 6.18 17.48 -5.31
N GLN B 223 6.33 16.79 -4.20
CA GLN B 223 7.43 15.84 -4.03
C GLN B 223 7.49 14.78 -5.13
N GLY B 224 8.67 14.61 -5.70
CA GLY B 224 8.92 13.67 -6.79
C GLY B 224 8.90 14.33 -8.14
N MET B 225 8.13 15.40 -8.29
CA MET B 225 8.10 16.15 -9.53
C MET B 225 9.15 17.26 -9.55
N GLY B 226 9.35 17.84 -10.73
CA GLY B 226 10.30 18.91 -10.88
C GLY B 226 11.66 18.37 -11.26
N MET B 227 12.44 19.23 -11.90
CA MET B 227 13.74 18.86 -12.43
C MET B 227 14.77 19.78 -11.80
N SER B 228 15.61 19.22 -10.94
CA SER B 228 16.58 20.04 -10.19
C SER B 228 18.00 19.50 -10.27
N ILE B 229 18.31 18.74 -11.31
CA ILE B 229 19.69 18.22 -11.50
C ILE B 229 20.59 19.21 -12.25
N GLY B 230 20.04 20.34 -12.71
CA GLY B 230 20.78 21.34 -13.48
C GLY B 230 20.57 21.26 -14.98
N GLY B 231 19.46 20.70 -15.40
CA GLY B 231 19.10 20.63 -16.81
C GLY B 231 17.98 19.61 -16.97
N ILE B 232 17.59 19.32 -18.20
CA ILE B 232 16.54 18.35 -18.47
C ILE B 232 17.15 16.95 -18.49
N PRO B 233 16.57 16.00 -17.73
CA PRO B 233 17.15 14.64 -17.75
C PRO B 233 17.13 13.98 -19.11
N ALA B 234 18.18 13.21 -19.40
CA ALA B 234 18.32 12.54 -20.68
C ALA B 234 17.16 11.59 -20.94
N VAL B 235 16.57 11.01 -19.89
CA VAL B 235 15.47 10.06 -20.09
C VAL B 235 14.12 10.74 -20.38
N TYR B 236 14.03 12.06 -20.28
CA TYR B 236 12.83 12.77 -20.69
C TYR B 236 12.88 12.97 -22.20
N ASP B 237 11.80 12.62 -22.87
CA ASP B 237 11.68 12.79 -24.32
C ASP B 237 10.57 13.79 -24.64
N GLY B 238 10.96 15.04 -24.80
CA GLY B 238 10.01 16.13 -24.94
C GLY B 238 9.23 16.09 -26.22
N SER B 239 9.74 15.37 -27.22
CA SER B 239 9.00 15.27 -28.47
C SER B 239 7.68 14.53 -28.29
N LEU B 240 7.55 13.75 -27.22
CA LEU B 240 6.31 13.06 -26.94
C LEU B 240 5.23 13.95 -26.35
N ALA B 241 5.60 15.11 -25.82
CA ALA B 241 4.64 15.99 -25.12
C ALA B 241 3.77 16.77 -26.12
N ASP B 242 2.46 16.56 -26.10
CA ASP B 242 1.55 17.34 -26.92
C ASP B 242 1.31 18.76 -26.40
N ASP B 243 1.67 18.97 -25.14
CA ASP B 243 1.65 20.27 -24.48
C ASP B 243 2.30 19.99 -23.12
N ILE B 244 2.66 21.04 -22.41
CA ILE B 244 3.14 20.89 -21.04
C ILE B 244 2.02 21.35 -20.10
N LEU B 245 1.57 20.49 -19.20
CA LEU B 245 0.59 20.88 -18.20
C LEU B 245 1.25 21.18 -16.87
N VAL B 246 0.60 22.01 -16.04
CA VAL B 246 1.18 22.43 -14.79
C VAL B 246 0.19 22.39 -13.65
N CYS B 247 0.72 22.38 -12.42
CA CYS B 247 -0.12 22.47 -11.22
C CYS B 247 0.58 23.22 -10.09
N GLU B 248 -0.15 24.12 -9.44
CA GLU B 248 0.32 24.79 -8.23
C GLU B 248 0.37 23.86 -7.05
N ASP B 249 1.23 24.18 -6.09
CA ASP B 249 1.42 23.36 -4.90
C ASP B 249 0.12 23.12 -4.15
N ASP B 250 -0.56 24.21 -3.83
CA ASP B 250 -1.75 24.07 -3.01
C ASP B 250 -2.87 23.33 -3.77
N ASP B 251 -3.03 23.58 -5.05
CA ASP B 251 -3.99 22.82 -5.85
C ASP B 251 -3.70 21.29 -5.88
N ALA B 252 -2.42 20.92 -5.89
CA ALA B 252 -2.01 19.53 -5.88
C ALA B 252 -2.47 18.88 -4.56
N PHE B 253 -2.19 19.54 -3.42
CA PHE B 253 -2.63 19.06 -2.11
C PHE B 253 -4.17 18.99 -2.05
N GLU B 254 -4.86 20.01 -2.56
CA GLU B 254 -6.32 20.00 -2.52
C GLU B 254 -6.89 18.81 -3.29
N MET B 255 -6.35 18.59 -4.50
CA MET B 255 -6.82 17.49 -5.33
C MET B 255 -6.50 16.12 -4.70
N MET B 256 -5.36 16.00 -4.06
CA MET B 256 -5.04 14.80 -3.32
C MET B 256 -6.18 14.46 -2.33
N ARG B 257 -6.63 15.48 -1.59
CA ARG B 257 -7.73 15.30 -0.62
C ARG B 257 -9.08 15.10 -1.33
N GLU B 258 -9.30 15.75 -2.46
CA GLU B 258 -10.52 15.48 -3.23
C GLU B 258 -10.59 14.00 -3.63
N LEU B 259 -9.47 13.47 -4.12
CA LEU B 259 -9.42 12.07 -4.52
C LEU B 259 -9.72 11.10 -3.37
N SER B 260 -9.15 11.35 -2.20
CA SER B 260 -9.36 10.46 -1.09
C SER B 260 -10.79 10.63 -0.53
N PHE B 261 -11.27 11.86 -0.41
CA PHE B 261 -12.65 12.11 0.07
C PHE B 261 -13.73 11.51 -0.82
N LYS B 262 -13.55 11.70 -2.14
CA LYS B 262 -14.62 11.42 -3.10
C LYS B 262 -14.51 10.08 -3.81
N GLU B 263 -13.29 9.54 -3.95
CA GLU B 263 -13.09 8.27 -4.67
C GLU B 263 -12.47 7.16 -3.81
N GLY B 264 -12.08 7.48 -2.59
CA GLY B 264 -11.37 6.52 -1.76
C GLY B 264 -10.00 6.17 -2.31
N ILE B 265 -9.44 7.07 -3.12
CA ILE B 265 -8.12 6.88 -3.71
C ILE B 265 -7.13 7.74 -2.94
N LEU B 266 -6.17 7.09 -2.27
CA LEU B 266 -5.16 7.75 -1.48
C LEU B 266 -3.87 7.78 -2.29
N GLY B 267 -3.67 8.86 -3.04
CA GLY B 267 -2.47 9.02 -3.85
C GLY B 267 -1.56 10.07 -3.25
N GLY B 268 -0.33 10.13 -3.77
CA GLY B 268 0.64 11.09 -3.32
C GLY B 268 0.37 12.49 -3.82
N ILE B 269 1.26 13.42 -3.47
CA ILE B 269 1.09 14.83 -3.89
C ILE B 269 1.13 14.94 -5.40
N SER B 270 2.09 14.24 -6.01
CA SER B 270 2.16 14.26 -7.46
C SER B 270 0.91 13.70 -8.16
N THR B 271 0.23 12.75 -7.54
CA THR B 271 -1.03 12.22 -8.04
C THR B 271 -2.08 13.31 -8.03
N GLY B 272 -2.13 14.09 -6.96
CA GLY B 272 -3.01 15.21 -6.93
C GLY B 272 -2.70 16.23 -8.03
N ALA B 273 -1.41 16.51 -8.21
CA ALA B 273 -0.97 17.44 -9.26
C ALA B 273 -1.34 16.95 -10.65
N THR B 274 -1.10 15.68 -10.92
CA THR B 274 -1.33 15.09 -12.24
C THR B 274 -2.81 14.95 -12.53
N PHE B 275 -3.55 14.55 -11.51
CA PHE B 275 -4.99 14.46 -11.64
C PHE B 275 -5.65 15.82 -11.82
N LYS B 276 -5.24 16.84 -11.07
CA LYS B 276 -5.75 18.20 -11.24
CA LYS B 276 -5.77 18.19 -11.25
C LYS B 276 -5.53 18.64 -12.68
N ALA B 277 -4.32 18.42 -13.20
CA ALA B 277 -4.04 18.76 -14.59
C ALA B 277 -4.94 18.03 -15.57
N ALA B 278 -5.19 16.76 -15.33
CA ALA B 278 -6.04 15.97 -16.17
C ALA B 278 -7.49 16.43 -16.12
N LEU B 279 -7.96 16.75 -14.92
CA LEU B 279 -9.35 17.21 -14.79
C LEU B 279 -9.55 18.57 -15.48
N ASP B 280 -8.56 19.48 -15.36
CA ASP B 280 -8.56 20.73 -16.11
C ASP B 280 -8.61 20.47 -17.61
N TYR B 281 -7.78 19.53 -18.07
CA TYR B 281 -7.76 19.14 -19.50
C TYR B 281 -9.13 18.61 -19.92
N SER B 282 -9.73 17.76 -19.10
CA SER B 282 -11.04 17.19 -19.42
C SER B 282 -12.09 18.30 -19.55
N LYS B 283 -12.07 19.25 -18.62
CA LYS B 283 -12.99 20.37 -18.62
C LYS B 283 -12.87 21.20 -19.90
N GLU B 284 -11.64 21.48 -20.32
CA GLU B 284 -11.37 22.16 -21.58
C GLU B 284 -11.80 21.39 -22.80
N ASN B 285 -11.96 20.08 -22.67
CA ASN B 285 -12.31 19.19 -23.75
C ASN B 285 -13.59 18.45 -23.40
N ALA B 286 -14.53 19.19 -22.79
CA ALA B 286 -15.72 18.59 -22.19
C ALA B 286 -16.61 17.91 -23.23
N ASP B 287 -17.24 16.81 -22.83
CA ASP B 287 -18.26 16.15 -23.61
C ASP B 287 -17.76 15.51 -24.92
N LYS B 288 -16.50 15.08 -24.96
CA LYS B 288 -15.95 14.45 -26.15
C LYS B 288 -15.94 12.94 -26.05
N GLY B 289 -16.32 12.39 -24.90
CA GLY B 289 -16.27 10.95 -24.71
C GLY B 289 -14.84 10.38 -24.73
N LEU B 290 -13.84 11.18 -24.35
CA LEU B 290 -12.46 10.72 -24.34
C LEU B 290 -12.21 9.73 -23.21
N LYS B 291 -11.30 8.78 -23.45
CA LYS B 291 -10.78 7.90 -22.41
C LYS B 291 -9.40 8.47 -22.01
N ILE B 292 -9.33 9.00 -20.80
CA ILE B 292 -8.16 9.70 -20.30
C ILE B 292 -7.56 8.87 -19.17
N VAL B 293 -6.26 8.60 -19.27
CA VAL B 293 -5.55 7.79 -18.24
C VAL B 293 -4.56 8.68 -17.53
N VAL B 294 -4.63 8.68 -16.20
CA VAL B 294 -3.75 9.42 -15.36
C VAL B 294 -2.87 8.40 -14.61
N LEU B 295 -1.55 8.59 -14.65
CA LEU B 295 -0.67 7.75 -13.83
C LEU B 295 -0.57 8.32 -12.42
N SER B 296 -0.99 7.55 -11.43
CA SER B 296 -0.76 7.90 -10.03
C SER B 296 0.55 7.25 -9.61
N THR B 297 1.57 8.06 -9.38
CA THR B 297 2.93 7.51 -9.20
C THR B 297 3.13 6.76 -7.88
N ASP B 298 2.55 7.29 -6.80
CA ASP B 298 2.67 6.62 -5.51
C ASP B 298 1.44 6.80 -4.64
N SER B 299 1.40 6.05 -3.55
CA SER B 299 0.28 6.18 -2.64
C SER B 299 0.55 7.28 -1.61
N GLY B 300 -0.52 7.72 -0.94
CA GLY B 300 -0.48 8.92 -0.14
C GLY B 300 -0.02 8.74 1.29
N GLU B 301 0.19 7.50 1.71
CA GLU B 301 0.61 7.15 3.08
C GLU B 301 1.83 7.92 3.53
N LYS B 302 2.78 8.09 2.63
CA LYS B 302 4.05 8.65 3.04
C LYS B 302 4.04 10.18 3.12
N TYR B 303 2.88 10.80 2.93
CA TYR B 303 2.72 12.25 3.03
C TYR B 303 1.82 12.70 4.19
N LEU B 304 1.46 11.78 5.08
CA LEU B 304 0.70 12.17 6.28
C LEU B 304 1.45 13.23 7.13
N SER B 305 2.77 13.13 7.26
CA SER B 305 3.56 14.17 7.95
C SER B 305 3.46 15.57 7.31
N ASN B 306 3.39 15.64 5.98
CA ASN B 306 3.13 16.92 5.30
C ASN B 306 1.67 17.31 5.47
#